data_5B6G
#
_entry.id   5B6G
#
_cell.length_a   51.448
_cell.length_b   63.691
_cell.length_c   52.641
_cell.angle_alpha   90.00
_cell.angle_beta   95.76
_cell.angle_gamma   90.00
#
_symmetry.space_group_name_H-M   'P 1 21 1'
#
loop_
_entity.id
_entity.type
_entity.pdbx_description
1 polymer 'Adenomatous polyposis coli protein'
2 polymer PHQ-ALA-GLY-GLU-ALA-XYC-TYR-GLU
3 non-polymer 'SULFATE ION'
4 non-polymer GLYCEROL
5 water water
#
loop_
_entity_poly.entity_id
_entity_poly.type
_entity_poly.pdbx_seq_one_letter_code
_entity_poly.pdbx_strand_id
1 'polypeptide(L)'
;MGHHHHHHMLHLLEQIRAYCETCWEWQEAHEPGMDQDKNPMPAPVEHQICPAVCVLMKLSFDEEHRHAMNELGGLQAIAE
LLQVDCEMYGLTNDHYSITLRRYAGMALTNLTFGDVANKATLCSMKGCMRALVAQLKSESEDLQQVIASVLRNLSWRADV
NSKKTLREVGSVKALMECALEVKKESTLKSVLSALWNLSAHCTENKADICAVDGALAFLVGTLTYRSQTNTLAIIESGGG
ILRNVSSLIATNEDHRQILRENNCLQTLLQHLKSHSLTIVSNACGTLWNLSARNPKDQEALWDMGAVSMLKNLIHSKHKM
IAMGSAAALRNLMANRPAKYKDANIMSPGSSLPS
;
A
2 'polypeptide(L)' (PHQ)AGEA(XYC)YE(NH2) B
#
loop_
_chem_comp.id
_chem_comp.type
_chem_comp.name
_chem_comp.formula
GOL non-polymer GLYCEROL 'C3 H8 O3'
NH2 non-polymer 'AMINO GROUP' 'H2 N'
PHQ non-polymer 'benzyl chlorocarbonate' 'C8 H7 Cl O2'
SO4 non-polymer 'SULFATE ION' 'O4 S -2'
#
# COMPACT_ATOMS: atom_id res chain seq x y z
N HIS A 6 -26.16 -8.60 20.41
CA HIS A 6 -24.88 -9.34 20.22
C HIS A 6 -25.01 -10.85 20.02
N HIS A 7 -26.16 -11.46 20.33
CA HIS A 7 -26.35 -12.88 19.97
C HIS A 7 -26.78 -13.10 18.51
N HIS A 8 -27.04 -12.04 17.73
CA HIS A 8 -27.13 -12.20 16.27
C HIS A 8 -25.73 -12.44 15.74
N MET A 9 -24.82 -11.56 16.14
CA MET A 9 -23.40 -11.68 15.85
C MET A 9 -22.86 -13.05 16.28
N LEU A 10 -23.20 -13.47 17.49
CA LEU A 10 -22.74 -14.74 18.01
C LEU A 10 -23.24 -15.87 17.11
N HIS A 11 -24.47 -15.79 16.66
CA HIS A 11 -25.03 -16.80 15.76
C HIS A 11 -24.28 -16.87 14.40
N LEU A 12 -24.03 -15.72 13.80
CA LEU A 12 -23.36 -15.70 12.48
C LEU A 12 -21.92 -16.23 12.57
N LEU A 13 -21.22 -15.85 13.63
CA LEU A 13 -19.87 -16.36 13.85
C LEU A 13 -19.83 -17.86 14.08
N GLU A 14 -20.84 -18.40 14.75
CA GLU A 14 -20.98 -19.85 14.89
C GLU A 14 -21.19 -20.55 13.55
N GLN A 15 -22.02 -19.97 12.71
CA GLN A 15 -22.20 -20.45 11.33
C GLN A 15 -20.85 -20.54 10.59
N ILE A 16 -20.10 -19.44 10.62
CA ILE A 16 -18.80 -19.38 9.97
C ILE A 16 -17.81 -20.42 10.53
N ARG A 17 -17.69 -20.54 11.85
CA ARG A 17 -16.79 -21.53 12.47
C ARG A 17 -17.16 -22.97 12.13
N ALA A 18 -18.45 -23.27 12.20
CA ALA A 18 -18.94 -24.60 11.82
C ALA A 18 -18.56 -24.94 10.38
N TYR A 19 -18.83 -23.99 9.47
CA TYR A 19 -18.47 -24.18 8.08
C TYR A 19 -16.95 -24.42 7.90
N CYS A 20 -16.12 -23.59 8.54
CA CYS A 20 -14.67 -23.76 8.47
C CYS A 20 -14.25 -25.15 8.96
N GLU A 21 -14.79 -25.59 10.11
CA GLU A 21 -14.48 -26.91 10.64
C GLU A 21 -14.76 -28.02 9.62
N THR A 22 -15.90 -27.94 8.96
CA THR A 22 -16.24 -28.88 7.90
C THR A 22 -15.28 -28.81 6.71
N CYS A 23 -14.81 -27.62 6.36
CA CYS A 23 -13.77 -27.47 5.31
C CYS A 23 -12.44 -28.08 5.76
N TRP A 24 -12.04 -27.81 7.01
CA TRP A 24 -10.82 -28.38 7.56
C TRP A 24 -10.82 -29.91 7.61
N GLU A 25 -11.98 -30.49 7.94
CA GLU A 25 -12.15 -31.95 7.93
C GLU A 25 -12.01 -32.52 6.51
N TRP A 26 -12.64 -31.89 5.53
CA TRP A 26 -12.46 -32.28 4.12
C TRP A 26 -10.99 -32.19 3.66
N GLN A 27 -10.30 -31.13 4.06
CA GLN A 27 -8.89 -30.95 3.72
C GLN A 27 -8.00 -32.05 4.34
N GLU A 28 -8.21 -32.33 5.62
CA GLU A 28 -7.45 -33.34 6.37
C GLU A 28 -7.76 -34.79 5.98
N ALA A 29 -8.93 -35.05 5.41
CA ALA A 29 -9.30 -36.37 4.88
C ALA A 29 -8.26 -36.95 3.91
N HIS A 30 -7.58 -36.07 3.17
CA HIS A 30 -6.75 -36.47 2.03
C HIS A 30 -5.35 -36.98 2.41
N ASN A 39 -17.01 -37.82 2.13
CA ASN A 39 -17.46 -36.43 2.28
C ASN A 39 -17.13 -35.58 1.04
N PRO A 40 -18.17 -35.07 0.32
CA PRO A 40 -17.82 -34.21 -0.82
C PRO A 40 -17.20 -32.89 -0.35
N MET A 41 -16.69 -32.13 -1.32
CA MET A 41 -16.02 -30.88 -1.05
C MET A 41 -17.06 -29.83 -0.63
N PRO A 42 -16.93 -29.24 0.58
CA PRO A 42 -17.94 -28.25 0.97
C PRO A 42 -18.03 -27.06 0.03
N ALA A 43 -19.26 -26.59 -0.20
CA ALA A 43 -19.56 -25.47 -1.08
C ALA A 43 -20.19 -24.38 -0.20
N PRO A 44 -19.58 -23.18 -0.16
CA PRO A 44 -20.14 -22.12 0.70
C PRO A 44 -21.62 -21.80 0.45
N VAL A 45 -22.08 -21.92 -0.79
CA VAL A 45 -23.47 -21.68 -1.13
C VAL A 45 -24.43 -22.60 -0.32
N GLU A 46 -24.02 -23.83 -0.07
CA GLU A 46 -24.89 -24.78 0.65
C GLU A 46 -25.01 -24.47 2.14
N HIS A 47 -24.18 -23.55 2.66
CA HIS A 47 -24.23 -23.16 4.05
C HIS A 47 -24.55 -21.67 4.25
N GLN A 48 -25.08 -21.03 3.21
CA GLN A 48 -25.48 -19.62 3.25
C GLN A 48 -24.41 -18.73 3.89
N ILE A 49 -23.17 -18.89 3.41
CA ILE A 49 -22.05 -18.15 3.99
C ILE A 49 -22.02 -16.68 3.57
N CYS A 50 -22.41 -16.42 2.33
CA CYS A 50 -22.32 -15.07 1.79
C CYS A 50 -23.14 -14.09 2.64
N PRO A 51 -24.44 -14.39 2.91
CA PRO A 51 -25.23 -13.54 3.76
C PRO A 51 -24.66 -13.34 5.15
N ALA A 52 -24.12 -14.41 5.75
CA ALA A 52 -23.55 -14.32 7.09
C ALA A 52 -22.40 -13.31 7.15
N VAL A 53 -21.46 -13.41 6.20
N VAL A 53 -21.48 -13.43 6.20
CA VAL A 53 -20.33 -12.48 6.17
CA VAL A 53 -20.35 -12.51 6.11
C VAL A 53 -20.77 -11.07 5.75
C VAL A 53 -20.80 -11.09 5.79
N CYS A 54 -21.80 -10.97 4.91
CA CYS A 54 -22.37 -9.67 4.53
C CYS A 54 -22.83 -8.89 5.75
N VAL A 55 -23.57 -9.57 6.63
CA VAL A 55 -24.11 -8.94 7.82
C VAL A 55 -22.97 -8.53 8.77
N LEU A 56 -22.02 -9.43 9.00
CA LEU A 56 -20.87 -9.13 9.87
C LEU A 56 -20.07 -7.95 9.35
N MET A 57 -19.82 -7.94 8.04
CA MET A 57 -19.19 -6.82 7.39
C MET A 57 -19.90 -5.50 7.72
N LYS A 58 -21.23 -5.47 7.57
CA LYS A 58 -22.00 -4.26 7.88
C LYS A 58 -21.94 -3.84 9.34
N LEU A 59 -22.04 -4.80 10.27
CA LEU A 59 -21.86 -4.48 11.69
C LEU A 59 -20.45 -3.96 12.02
N SER A 60 -19.43 -4.48 11.30
CA SER A 60 -18.04 -4.08 11.53
C SER A 60 -17.73 -2.57 11.34
N PHE A 61 -18.59 -1.84 10.64
CA PHE A 61 -18.47 -0.38 10.54
C PHE A 61 -18.79 0.36 11.82
N ASP A 62 -19.63 -0.21 12.68
CA ASP A 62 -19.96 0.41 13.96
C ASP A 62 -18.95 0.06 15.07
N GLU A 63 -18.41 1.08 15.73
CA GLU A 63 -17.41 0.93 16.80
C GLU A 63 -17.85 0.00 17.94
N GLU A 64 -19.09 0.15 18.42
CA GLU A 64 -19.61 -0.73 19.49
C GLU A 64 -19.70 -2.19 19.01
N HIS A 65 -20.26 -2.39 17.83
CA HIS A 65 -20.36 -3.75 17.26
C HIS A 65 -19.00 -4.40 17.02
N ARG A 66 -18.01 -3.62 16.58
CA ARG A 66 -16.63 -4.14 16.43
C ARG A 66 -16.11 -4.72 17.73
N HIS A 67 -16.31 -4.01 18.84
CA HIS A 67 -15.81 -4.47 20.15
C HIS A 67 -16.49 -5.75 20.59
N ALA A 68 -17.78 -5.86 20.34
CA ALA A 68 -18.48 -7.13 20.56
C ALA A 68 -17.86 -8.24 19.71
N MET A 69 -17.64 -7.92 18.45
CA MET A 69 -17.08 -8.87 17.47
C MET A 69 -15.71 -9.39 17.90
N ASN A 70 -14.87 -8.51 18.46
CA ASN A 70 -13.55 -8.93 18.94
C ASN A 70 -13.61 -9.86 20.15
N GLU A 71 -14.61 -9.67 21.01
CA GLU A 71 -14.77 -10.60 22.16
C GLU A 71 -15.01 -12.04 21.65
N LEU A 72 -15.64 -12.17 20.48
CA LEU A 72 -15.97 -13.48 19.89
C LEU A 72 -14.91 -13.99 18.89
N GLY A 73 -13.78 -13.29 18.80
CA GLY A 73 -12.71 -13.67 17.88
C GLY A 73 -13.17 -13.54 16.44
N GLY A 74 -13.94 -12.49 16.17
CA GLY A 74 -14.50 -12.28 14.84
C GLY A 74 -13.43 -12.19 13.78
N LEU A 75 -12.38 -11.42 14.05
CA LEU A 75 -11.25 -11.30 13.12
C LEU A 75 -10.64 -12.66 12.73
N GLN A 76 -10.29 -13.48 13.73
N GLN A 76 -10.29 -13.50 13.70
CA GLN A 76 -9.75 -14.83 13.52
CA GLN A 76 -9.70 -14.79 13.40
C GLN A 76 -10.64 -15.66 12.62
C GLN A 76 -10.64 -15.69 12.60
N ALA A 77 -11.94 -15.67 12.93
CA ALA A 77 -12.91 -16.53 12.23
C ALA A 77 -13.15 -16.13 10.77
N ILE A 78 -13.29 -14.83 10.55
CA ILE A 78 -13.48 -14.28 9.20
C ILE A 78 -12.21 -14.51 8.34
N ALA A 79 -11.04 -14.29 8.96
CA ALA A 79 -9.76 -14.56 8.30
C ALA A 79 -9.63 -16.04 7.94
N GLU A 80 -9.98 -16.92 8.89
CA GLU A 80 -10.01 -18.38 8.64
C GLU A 80 -10.91 -18.79 7.49
N LEU A 81 -12.06 -18.14 7.38
CA LEU A 81 -13.01 -18.40 6.29
C LEU A 81 -12.44 -17.97 4.93
N LEU A 82 -11.92 -16.76 4.87
CA LEU A 82 -11.30 -16.25 3.64
C LEU A 82 -10.16 -17.17 3.26
N GLN A 83 -9.31 -17.55 4.23
CA GLN A 83 -8.19 -18.43 3.95
C GLN A 83 -8.63 -19.77 3.38
N VAL A 84 -9.60 -20.41 4.01
CA VAL A 84 -9.97 -21.75 3.58
C VAL A 84 -10.65 -21.75 2.22
N ASP A 85 -11.48 -20.75 1.94
CA ASP A 85 -12.09 -20.63 0.62
C ASP A 85 -11.07 -20.41 -0.51
N CYS A 86 -10.08 -19.57 -0.27
CA CYS A 86 -8.98 -19.37 -1.22
C CYS A 86 -8.17 -20.63 -1.48
N GLU A 87 -7.82 -21.37 -0.43
CA GLU A 87 -7.15 -22.62 -0.56
C GLU A 87 -7.98 -23.65 -1.33
N MET A 88 -9.28 -23.74 -1.02
CA MET A 88 -10.14 -24.73 -1.65
C MET A 88 -10.39 -24.45 -3.14
N TYR A 89 -10.79 -23.22 -3.45
CA TYR A 89 -11.24 -22.87 -4.80
C TYR A 89 -10.28 -21.99 -5.61
N GLY A 90 -9.29 -21.38 -4.96
CA GLY A 90 -8.27 -20.59 -5.66
C GLY A 90 -8.85 -19.37 -6.34
N LEU A 91 -8.21 -18.97 -7.44
CA LEU A 91 -8.71 -17.93 -8.34
C LEU A 91 -9.54 -18.52 -9.49
N THR A 92 -9.77 -19.82 -9.48
CA THR A 92 -10.64 -20.51 -10.45
C THR A 92 -12.01 -20.77 -9.78
N ASN A 93 -12.53 -19.71 -9.15
CA ASN A 93 -13.68 -19.73 -8.26
C ASN A 93 -14.84 -18.98 -8.91
N ASP A 94 -16.03 -19.13 -8.33
CA ASP A 94 -17.26 -18.53 -8.90
C ASP A 94 -17.57 -17.18 -8.23
N HIS A 95 -18.63 -16.53 -8.68
CA HIS A 95 -19.02 -15.21 -8.15
C HIS A 95 -19.45 -15.25 -6.70
N TYR A 96 -20.09 -16.34 -6.28
CA TYR A 96 -20.41 -16.53 -4.85
C TYR A 96 -19.16 -16.40 -3.96
N SER A 97 -18.10 -17.07 -4.40
CA SER A 97 -16.82 -17.04 -3.74
C SER A 97 -16.17 -15.66 -3.79
N ILE A 98 -16.18 -15.02 -4.97
N ILE A 98 -16.18 -15.02 -4.95
CA ILE A 98 -15.69 -13.64 -5.14
CA ILE A 98 -15.61 -13.68 -5.09
C ILE A 98 -16.37 -12.71 -4.14
C ILE A 98 -16.36 -12.68 -4.17
N THR A 99 -17.69 -12.82 -4.10
CA THR A 99 -18.51 -11.98 -3.24
C THR A 99 -18.16 -12.19 -1.74
N LEU A 100 -18.14 -13.46 -1.35
CA LEU A 100 -17.78 -13.87 0.02
C LEU A 100 -16.43 -13.26 0.43
N ARG A 101 -15.45 -13.31 -0.47
CA ARG A 101 -14.12 -12.77 -0.19
C ARG A 101 -14.09 -11.26 -0.11
N ARG A 102 -14.92 -10.59 -0.92
CA ARG A 102 -15.08 -9.15 -0.83
C ARG A 102 -15.65 -8.74 0.52
N TYR A 103 -16.73 -9.37 0.94
CA TYR A 103 -17.35 -9.00 2.22
C TYR A 103 -16.45 -9.38 3.40
N ALA A 104 -15.79 -10.54 3.33
CA ALA A 104 -14.82 -10.91 4.37
C ALA A 104 -13.68 -9.91 4.47
N GLY A 105 -13.14 -9.52 3.30
CA GLY A 105 -12.06 -8.56 3.19
C GLY A 105 -12.38 -7.18 3.75
N MET A 106 -13.58 -6.67 3.45
CA MET A 106 -14.05 -5.43 4.06
C MET A 106 -14.12 -5.49 5.60
N ALA A 107 -14.68 -6.57 6.12
CA ALA A 107 -14.70 -6.80 7.59
C ALA A 107 -13.30 -6.80 8.19
N LEU A 108 -12.37 -7.49 7.51
CA LEU A 108 -10.97 -7.51 7.95
C LEU A 108 -10.32 -6.12 7.95
N THR A 109 -10.66 -5.30 6.95
CA THR A 109 -10.19 -3.92 6.89
C THR A 109 -10.67 -3.14 8.11
N ASN A 110 -11.97 -3.19 8.37
CA ASN A 110 -12.56 -2.52 9.51
C ASN A 110 -12.02 -3.01 10.85
N LEU A 111 -11.84 -4.32 10.96
CA LEU A 111 -11.34 -4.93 12.20
C LEU A 111 -9.84 -4.71 12.49
N THR A 112 -9.06 -4.48 11.44
CA THR A 112 -7.63 -4.21 11.61
C THR A 112 -7.32 -2.74 11.90
N PHE A 113 -8.24 -1.84 11.55
CA PHE A 113 -8.05 -0.41 11.68
C PHE A 113 -7.73 -0.03 13.12
N GLY A 114 -6.51 0.42 13.35
CA GLY A 114 -6.08 0.91 14.67
C GLY A 114 -5.89 -0.18 15.71
N ASP A 115 -6.03 -1.45 15.32
CA ASP A 115 -6.16 -2.53 16.29
C ASP A 115 -4.90 -3.39 16.30
N VAL A 116 -4.06 -3.09 17.29
CA VAL A 116 -2.77 -3.75 17.46
C VAL A 116 -2.90 -5.27 17.46
N ALA A 117 -3.82 -5.79 18.29
CA ALA A 117 -3.97 -7.25 18.44
C ALA A 117 -4.43 -7.89 17.13
N ASN A 118 -5.40 -7.27 16.49
CA ASN A 118 -5.96 -7.82 15.23
C ASN A 118 -4.94 -7.86 14.09
N LYS A 119 -4.08 -6.85 14.01
CA LYS A 119 -3.07 -6.80 12.97
C LYS A 119 -2.03 -7.88 13.18
N ALA A 120 -1.64 -8.08 14.44
CA ALA A 120 -0.67 -9.11 14.80
C ALA A 120 -1.23 -10.51 14.51
N THR A 121 -2.48 -10.76 14.87
CA THR A 121 -3.10 -12.06 14.62
C THR A 121 -3.14 -12.38 13.12
N LEU A 122 -3.62 -11.45 12.33
CA LEU A 122 -3.77 -11.67 10.90
C LEU A 122 -2.43 -11.85 10.20
N CYS A 123 -1.43 -11.04 10.57
CA CYS A 123 -0.10 -11.22 9.98
C CYS A 123 0.58 -12.52 10.41
N SER A 124 0.21 -13.07 11.56
CA SER A 124 0.72 -14.36 12.01
C SER A 124 0.03 -15.53 11.25
N MET A 125 -1.10 -15.26 10.59
CA MET A 125 -1.77 -16.29 9.81
C MET A 125 -1.19 -16.35 8.40
N LYS A 126 -0.08 -17.07 8.26
CA LYS A 126 0.75 -16.99 7.06
C LYS A 126 0.00 -17.49 5.85
N GLY A 127 -0.75 -18.57 6.04
CA GLY A 127 -1.62 -19.10 5.01
C GLY A 127 -2.66 -18.08 4.55
N CYS A 128 -3.28 -17.40 5.51
CA CYS A 128 -4.23 -16.35 5.18
C CYS A 128 -3.52 -15.21 4.44
N MET A 129 -2.31 -14.87 4.90
CA MET A 129 -1.55 -13.78 4.27
C MET A 129 -1.24 -14.08 2.81
N ARG A 130 -0.79 -15.30 2.53
N ARG A 130 -0.80 -15.30 2.51
CA ARG A 130 -0.57 -15.77 1.16
CA ARG A 130 -0.58 -15.71 1.13
C ARG A 130 -1.85 -15.69 0.35
C ARG A 130 -1.86 -15.69 0.32
N ALA A 131 -2.98 -16.06 0.95
CA ALA A 131 -4.30 -16.03 0.26
C ALA A 131 -4.70 -14.61 -0.13
N LEU A 132 -4.49 -13.68 0.79
CA LEU A 132 -4.74 -12.27 0.54
C LEU A 132 -3.94 -11.75 -0.64
N VAL A 133 -2.65 -12.02 -0.64
CA VAL A 133 -1.75 -11.52 -1.67
C VAL A 133 -2.18 -12.10 -3.03
N ALA A 134 -2.58 -13.38 -3.06
CA ALA A 134 -3.04 -14.01 -4.32
C ALA A 134 -4.25 -13.32 -4.93
N GLN A 135 -5.10 -12.74 -4.09
CA GLN A 135 -6.30 -12.05 -4.53
C GLN A 135 -6.04 -10.76 -5.28
N LEU A 136 -4.83 -10.20 -5.21
CA LEU A 136 -4.49 -9.05 -6.02
C LEU A 136 -4.51 -9.32 -7.53
N LYS A 137 -4.57 -10.58 -7.95
CA LYS A 137 -4.81 -10.93 -9.36
C LYS A 137 -6.23 -11.40 -9.67
N SER A 138 -7.19 -11.14 -8.78
CA SER A 138 -8.57 -11.54 -9.01
C SER A 138 -9.12 -10.84 -10.23
N GLU A 139 -10.02 -11.50 -10.94
N GLU A 139 -10.03 -11.51 -10.95
CA GLU A 139 -10.77 -10.87 -12.04
CA GLU A 139 -10.82 -10.89 -12.02
C GLU A 139 -11.61 -9.67 -11.57
C GLU A 139 -11.57 -9.65 -11.54
N SER A 140 -12.02 -9.67 -10.29
CA SER A 140 -12.70 -8.54 -9.67
C SER A 140 -11.69 -7.49 -9.20
N GLU A 141 -11.57 -6.41 -9.95
CA GLU A 141 -10.72 -5.29 -9.50
C GLU A 141 -11.23 -4.71 -8.18
N ASP A 142 -12.55 -4.79 -7.94
CA ASP A 142 -13.09 -4.36 -6.67
C ASP A 142 -12.49 -5.19 -5.51
N LEU A 143 -12.39 -6.50 -5.71
CA LEU A 143 -11.77 -7.38 -4.69
C LEU A 143 -10.30 -7.00 -4.47
N GLN A 144 -9.59 -6.62 -5.53
CA GLN A 144 -8.21 -6.17 -5.39
C GLN A 144 -8.11 -4.95 -4.47
N GLN A 145 -9.05 -4.02 -4.61
CA GLN A 145 -9.09 -2.83 -3.80
C GLN A 145 -9.33 -3.19 -2.34
N VAL A 146 -10.25 -4.14 -2.11
CA VAL A 146 -10.57 -4.56 -0.77
C VAL A 146 -9.34 -5.18 -0.14
N ILE A 147 -8.69 -6.10 -0.85
CA ILE A 147 -7.50 -6.76 -0.29
C ILE A 147 -6.36 -5.75 -0.04
N ALA A 148 -6.17 -4.81 -0.96
CA ALA A 148 -5.14 -3.76 -0.77
C ALA A 148 -5.47 -2.89 0.45
N SER A 149 -6.76 -2.67 0.74
CA SER A 149 -7.17 -1.97 1.94
C SER A 149 -6.76 -2.74 3.21
N VAL A 150 -6.86 -4.08 3.18
CA VAL A 150 -6.42 -4.90 4.32
C VAL A 150 -4.92 -4.75 4.50
N LEU A 151 -4.17 -4.97 3.42
CA LEU A 151 -2.71 -4.88 3.47
C LEU A 151 -2.21 -3.50 3.90
N ARG A 152 -2.96 -2.44 3.57
CA ARG A 152 -2.62 -1.11 4.02
C ARG A 152 -2.65 -0.99 5.57
N ASN A 153 -3.70 -1.51 6.18
CA ASN A 153 -3.84 -1.43 7.62
C ASN A 153 -2.77 -2.29 8.29
N LEU A 154 -2.53 -3.48 7.74
CA LEU A 154 -1.52 -4.41 8.29
C LEU A 154 -0.11 -3.83 8.25
N SER A 155 0.19 -3.08 7.18
CA SER A 155 1.52 -2.49 7.02
C SER A 155 1.68 -1.15 7.78
N TRP A 156 0.62 -0.63 8.37
CA TRP A 156 0.72 0.58 9.18
C TRP A 156 1.08 0.19 10.59
N ARG A 157 2.19 0.75 11.08
CA ARG A 157 2.73 0.46 12.43
C ARG A 157 2.87 -1.04 12.72
N ALA A 158 3.43 -1.76 11.73
CA ALA A 158 3.56 -3.20 11.82
C ALA A 158 4.71 -3.52 12.76
N ASP A 159 4.53 -4.50 13.66
CA ASP A 159 5.63 -4.96 14.53
C ASP A 159 6.67 -5.73 13.74
N VAL A 160 7.73 -6.22 14.38
CA VAL A 160 8.81 -6.86 13.63
C VAL A 160 8.35 -8.16 12.95
N ASN A 161 7.55 -8.97 13.63
CA ASN A 161 7.09 -10.23 12.99
C ASN A 161 6.16 -9.96 11.81
N SER A 162 5.26 -9.00 11.97
CA SER A 162 4.34 -8.64 10.91
C SER A 162 5.06 -8.08 9.68
N LYS A 163 6.05 -7.21 9.90
CA LYS A 163 6.89 -6.72 8.80
C LYS A 163 7.54 -7.85 8.05
N LYS A 164 8.05 -8.82 8.81
CA LYS A 164 8.72 -9.98 8.24
C LYS A 164 7.77 -10.82 7.39
N THR A 165 6.57 -11.09 7.88
CA THR A 165 5.60 -11.88 7.14
C THR A 165 5.08 -11.16 5.91
N LEU A 166 4.77 -9.87 6.05
CA LEU A 166 4.34 -9.03 4.88
C LEU A 166 5.36 -9.11 3.75
N ARG A 167 6.65 -9.00 4.09
CA ARG A 167 7.70 -9.15 3.09
C ARG A 167 7.82 -10.56 2.52
N GLU A 168 7.82 -11.58 3.38
N GLU A 168 7.82 -11.57 3.39
CA GLU A 168 8.12 -12.94 2.94
CA GLU A 168 8.10 -12.93 2.98
C GLU A 168 7.00 -13.56 2.12
C GLU A 168 7.00 -13.55 2.12
N VAL A 169 5.76 -13.10 2.30
CA VAL A 169 4.64 -13.54 1.42
C VAL A 169 4.58 -12.79 0.07
N GLY A 170 5.50 -11.86 -0.16
CA GLY A 170 5.66 -11.23 -1.46
C GLY A 170 4.68 -10.11 -1.73
N SER A 171 4.20 -9.44 -0.67
CA SER A 171 3.16 -8.43 -0.83
C SER A 171 3.64 -7.24 -1.67
N VAL A 172 4.93 -6.90 -1.59
CA VAL A 172 5.41 -5.69 -2.27
C VAL A 172 5.41 -5.85 -3.78
N LYS A 173 6.07 -6.89 -4.27
CA LYS A 173 6.05 -7.16 -5.72
C LYS A 173 4.60 -7.33 -6.23
N ALA A 174 3.77 -8.03 -5.46
CA ALA A 174 2.37 -8.24 -5.88
C ALA A 174 1.55 -6.95 -5.94
N LEU A 175 1.71 -6.06 -4.96
CA LEU A 175 1.05 -4.77 -4.98
C LEU A 175 1.55 -3.86 -6.11
N MET A 176 2.86 -3.84 -6.35
CA MET A 176 3.43 -3.00 -7.42
C MET A 176 2.97 -3.47 -8.79
N GLU A 177 2.98 -4.78 -8.97
CA GLU A 177 2.49 -5.37 -10.20
C GLU A 177 1.01 -5.07 -10.38
N CYS A 178 0.23 -5.24 -9.31
CA CYS A 178 -1.20 -4.88 -9.31
C CYS A 178 -1.45 -3.45 -9.76
N ALA A 179 -0.68 -2.51 -9.20
CA ALA A 179 -0.82 -1.08 -9.51
C ALA A 179 -0.74 -0.78 -11.00
N LEU A 180 0.15 -1.48 -11.71
CA LEU A 180 0.35 -1.28 -13.14
C LEU A 180 -0.88 -1.62 -13.98
N GLU A 181 -1.77 -2.49 -13.44
CA GLU A 181 -2.96 -3.00 -14.14
C GLU A 181 -4.32 -2.41 -13.71
N VAL A 182 -4.39 -1.72 -12.58
CA VAL A 182 -5.69 -1.19 -12.12
C VAL A 182 -6.17 -0.08 -13.07
N LYS A 183 -7.48 -0.02 -13.29
CA LYS A 183 -8.13 1.08 -14.04
C LYS A 183 -8.71 2.16 -13.13
N LYS A 184 -9.30 1.78 -12.00
CA LYS A 184 -10.05 2.73 -11.17
C LYS A 184 -9.17 3.39 -10.13
N GLU A 185 -9.43 4.68 -9.89
CA GLU A 185 -8.72 5.50 -8.89
C GLU A 185 -8.89 4.94 -7.48
N SER A 186 -10.08 4.39 -7.18
CA SER A 186 -10.31 3.80 -5.87
C SER A 186 -9.35 2.62 -5.61
N THR A 187 -9.18 1.73 -6.60
CA THR A 187 -8.22 0.65 -6.48
C THR A 187 -6.80 1.17 -6.35
N LEU A 188 -6.43 2.13 -7.17
CA LEU A 188 -5.08 2.70 -7.13
C LEU A 188 -4.76 3.32 -5.78
N LYS A 189 -5.72 4.01 -5.18
CA LYS A 189 -5.47 4.66 -3.89
C LYS A 189 -5.13 3.64 -2.82
N SER A 190 -5.91 2.57 -2.73
CA SER A 190 -5.66 1.55 -1.72
C SER A 190 -4.32 0.86 -1.94
N VAL A 191 -4.05 0.51 -3.21
CA VAL A 191 -2.80 -0.17 -3.61
C VAL A 191 -1.58 0.69 -3.32
N LEU A 192 -1.62 1.94 -3.76
CA LEU A 192 -0.51 2.87 -3.47
C LEU A 192 -0.33 3.19 -1.99
N SER A 193 -1.42 3.30 -1.24
CA SER A 193 -1.31 3.51 0.21
C SER A 193 -0.58 2.36 0.90
N ALA A 194 -0.92 1.12 0.53
CA ALA A 194 -0.24 -0.06 1.08
C ALA A 194 1.26 -0.07 0.71
N LEU A 195 1.56 0.19 -0.54
CA LEU A 195 2.95 0.28 -0.99
C LEU A 195 3.72 1.41 -0.29
N TRP A 196 3.08 2.53 -0.04
CA TRP A 196 3.76 3.63 0.68
C TRP A 196 4.16 3.14 2.07
N ASN A 197 3.23 2.47 2.77
CA ASN A 197 3.53 1.91 4.11
C ASN A 197 4.61 0.85 4.06
N LEU A 198 4.49 -0.09 3.13
CA LEU A 198 5.49 -1.14 2.94
C LEU A 198 6.88 -0.64 2.57
N SER A 199 6.95 0.42 1.77
CA SER A 199 8.21 0.99 1.29
C SER A 199 9.08 1.56 2.39
N ALA A 200 8.49 1.94 3.50
CA ALA A 200 9.25 2.38 4.69
C ALA A 200 9.77 1.26 5.60
N HIS A 201 9.37 0.00 5.36
CA HIS A 201 9.69 -1.04 6.38
C HIS A 201 11.16 -1.42 6.39
N CYS A 202 11.76 -1.48 5.20
CA CYS A 202 13.13 -1.99 5.04
C CYS A 202 13.62 -1.77 3.63
N THR A 203 14.91 -1.99 3.43
CA THR A 203 15.57 -1.73 2.17
C THR A 203 15.23 -2.76 1.09
N GLU A 204 14.97 -4.00 1.49
CA GLU A 204 14.51 -5.03 0.54
C GLU A 204 13.17 -4.65 -0.11
N ASN A 205 12.24 -4.13 0.69
CA ASN A 205 10.97 -3.66 0.12
C ASN A 205 11.20 -2.57 -0.95
N LYS A 206 12.10 -1.63 -0.66
N LYS A 206 12.10 -1.63 -0.65
CA LYS A 206 12.45 -0.55 -1.59
CA LYS A 206 12.46 -0.54 -1.58
C LYS A 206 13.02 -1.12 -2.89
C LYS A 206 13.03 -1.12 -2.88
N ALA A 207 13.99 -2.03 -2.77
CA ALA A 207 14.56 -2.73 -3.96
C ALA A 207 13.52 -3.50 -4.76
N ASP A 208 12.59 -4.18 -4.07
CA ASP A 208 11.54 -4.96 -4.74
C ASP A 208 10.61 -4.09 -5.59
N ILE A 209 10.33 -2.88 -5.12
CA ILE A 209 9.55 -1.91 -5.90
C ILE A 209 10.30 -1.48 -7.15
N CYS A 210 11.56 -1.10 -6.99
CA CYS A 210 12.34 -0.59 -8.10
C CYS A 210 12.63 -1.66 -9.16
N ALA A 211 12.66 -2.93 -8.74
CA ALA A 211 12.90 -4.07 -9.64
C ALA A 211 11.72 -4.44 -10.56
N VAL A 212 10.51 -3.98 -10.26
CA VAL A 212 9.36 -4.30 -11.11
C VAL A 212 9.44 -3.45 -12.37
N ASP A 213 9.46 -4.10 -13.53
N ASP A 213 9.47 -4.10 -13.53
CA ASP A 213 9.56 -3.40 -14.82
CA ASP A 213 9.58 -3.39 -14.80
C ASP A 213 8.40 -2.43 -15.00
C ASP A 213 8.41 -2.44 -15.02
N GLY A 214 8.71 -1.15 -15.24
CA GLY A 214 7.70 -0.12 -15.45
C GLY A 214 7.25 0.63 -14.22
N ALA A 215 7.68 0.19 -13.03
CA ALA A 215 7.21 0.74 -11.78
C ALA A 215 7.66 2.17 -11.56
N LEU A 216 8.94 2.44 -11.83
CA LEU A 216 9.48 3.78 -11.60
C LEU A 216 8.81 4.81 -12.50
N ALA A 217 8.62 4.50 -13.78
CA ALA A 217 7.91 5.38 -14.67
C ALA A 217 6.47 5.57 -14.22
N PHE A 218 5.80 4.48 -13.85
CA PHE A 218 4.45 4.54 -13.31
C PHE A 218 4.36 5.46 -12.11
N LEU A 219 5.23 5.26 -11.14
CA LEU A 219 5.26 6.10 -9.95
C LEU A 219 5.47 7.59 -10.31
N VAL A 220 6.40 7.87 -11.21
CA VAL A 220 6.59 9.26 -11.67
C VAL A 220 5.27 9.80 -12.26
N GLY A 221 4.56 8.97 -13.02
CA GLY A 221 3.28 9.37 -13.59
C GLY A 221 2.23 9.76 -12.55
N THR A 222 2.24 9.08 -11.40
CA THR A 222 1.32 9.42 -10.29
C THR A 222 1.55 10.80 -9.69
N LEU A 223 2.76 11.33 -9.83
CA LEU A 223 3.07 12.69 -9.32
C LEU A 223 2.28 13.81 -10.00
N THR A 224 1.75 13.57 -11.20
CA THR A 224 0.88 14.51 -11.89
C THR A 224 -0.51 13.92 -12.13
N TYR A 225 -0.93 13.00 -11.27
CA TYR A 225 -2.23 12.36 -11.42
C TYR A 225 -3.32 13.43 -11.38
N ARG A 226 -4.34 13.26 -12.21
CA ARG A 226 -5.47 14.18 -12.30
C ARG A 226 -6.66 13.47 -11.70
N SER A 227 -6.90 13.74 -10.42
CA SER A 227 -8.00 13.14 -9.68
C SER A 227 -9.32 13.73 -10.16
N GLN A 228 -10.30 12.87 -10.41
CA GLN A 228 -11.68 13.29 -10.67
C GLN A 228 -12.39 13.72 -9.38
N THR A 229 -11.94 13.20 -8.23
CA THR A 229 -12.62 13.38 -6.95
C THR A 229 -12.06 14.53 -6.12
N ASN A 230 -11.35 15.47 -6.76
CA ASN A 230 -10.73 16.64 -6.09
C ASN A 230 -9.97 16.28 -4.80
N THR A 231 -8.96 15.42 -4.96
CA THR A 231 -8.11 15.01 -3.85
C THR A 231 -6.67 14.78 -4.32
N LEU A 232 -5.77 14.75 -3.34
CA LEU A 232 -4.34 14.65 -3.56
C LEU A 232 -3.80 13.27 -3.19
N ALA A 233 -4.69 12.32 -2.90
CA ALA A 233 -4.31 11.03 -2.30
C ALA A 233 -3.32 10.24 -3.16
N ILE A 234 -3.57 10.20 -4.47
CA ILE A 234 -2.72 9.47 -5.39
C ILE A 234 -1.35 10.13 -5.48
N ILE A 235 -1.32 11.47 -5.60
CA ILE A 235 -0.05 12.20 -5.62
C ILE A 235 0.71 12.00 -4.31
N GLU A 236 0.02 12.06 -3.18
CA GLU A 236 0.70 11.88 -1.88
C GLU A 236 1.36 10.49 -1.71
N SER A 237 0.61 9.43 -2.05
CA SER A 237 1.11 8.06 -1.91
C SER A 237 2.15 7.71 -2.96
N GLY A 238 1.88 8.05 -4.20
CA GLY A 238 2.85 7.89 -5.28
C GLY A 238 4.15 8.60 -4.96
N GLY A 239 4.05 9.86 -4.54
CA GLY A 239 5.22 10.63 -4.12
C GLY A 239 5.89 10.14 -2.85
N GLY A 240 5.11 9.55 -1.94
CA GLY A 240 5.66 8.97 -0.71
C GLY A 240 6.44 7.71 -0.99
N ILE A 241 5.92 6.87 -1.88
CA ILE A 241 6.67 5.68 -2.33
C ILE A 241 7.99 6.09 -2.96
N LEU A 242 7.91 7.04 -3.89
CA LEU A 242 9.11 7.55 -4.55
C LEU A 242 10.14 8.13 -3.59
N ARG A 243 9.71 8.91 -2.61
CA ARG A 243 10.65 9.41 -1.62
C ARG A 243 11.31 8.25 -0.88
N ASN A 244 10.53 7.27 -0.45
CA ASN A 244 11.09 6.12 0.25
C ASN A 244 12.10 5.29 -0.58
N VAL A 245 11.84 5.09 -1.86
CA VAL A 245 12.80 4.34 -2.72
C VAL A 245 13.91 5.20 -3.33
N SER A 246 13.83 6.51 -3.19
CA SER A 246 14.80 7.41 -3.83
C SER A 246 16.22 7.23 -3.30
N SER A 247 16.38 6.72 -2.07
CA SER A 247 17.70 6.37 -1.53
C SER A 247 18.45 5.37 -2.43
N LEU A 248 17.73 4.34 -2.88
CA LEU A 248 18.31 3.36 -3.83
C LEU A 248 18.35 3.90 -5.25
N ILE A 249 17.35 4.66 -5.69
CA ILE A 249 17.39 5.24 -7.05
C ILE A 249 18.66 6.05 -7.26
N ALA A 250 19.02 6.85 -6.26
CA ALA A 250 20.29 7.63 -6.29
C ALA A 250 21.55 6.79 -6.61
N THR A 251 21.53 5.48 -6.36
CA THR A 251 22.67 4.59 -6.65
C THR A 251 22.60 3.92 -8.03
N ASN A 252 21.54 4.16 -8.79
CA ASN A 252 21.35 3.38 -10.00
C ASN A 252 21.09 4.35 -11.14
N GLU A 253 22.10 4.54 -11.99
CA GLU A 253 22.03 5.46 -13.16
C GLU A 253 20.84 5.17 -14.08
N ASP A 254 20.56 3.89 -14.33
CA ASP A 254 19.39 3.53 -15.12
C ASP A 254 18.06 4.03 -14.48
N HIS A 255 17.95 3.93 -13.17
CA HIS A 255 16.75 4.34 -12.48
C HIS A 255 16.63 5.86 -12.45
N ARG A 256 17.76 6.56 -12.28
CA ARG A 256 17.74 8.02 -12.35
C ARG A 256 17.22 8.49 -13.75
N GLN A 257 17.70 7.83 -14.79
CA GLN A 257 17.35 8.18 -16.16
C GLN A 257 15.86 8.02 -16.42
N ILE A 258 15.23 6.99 -15.87
CA ILE A 258 13.78 6.83 -15.93
C ILE A 258 13.06 8.04 -15.35
N LEU A 259 13.47 8.45 -14.16
CA LEU A 259 12.91 9.65 -13.59
C LEU A 259 13.11 10.88 -14.50
N ARG A 260 14.32 11.10 -14.99
CA ARG A 260 14.60 12.30 -15.80
C ARG A 260 13.67 12.40 -17.02
N GLU A 261 13.53 11.31 -17.73
CA GLU A 261 12.82 11.29 -19.01
C GLU A 261 11.29 11.11 -18.87
N ASN A 262 10.79 11.12 -17.62
CA ASN A 262 9.36 11.28 -17.34
C ASN A 262 9.15 12.58 -16.54
N ASN A 263 10.09 13.52 -16.68
CA ASN A 263 9.97 14.86 -16.13
C ASN A 263 9.83 14.90 -14.61
N CYS A 264 10.46 13.96 -13.93
CA CYS A 264 10.37 13.88 -12.48
C CYS A 264 10.94 15.13 -11.77
N LEU A 265 12.07 15.65 -12.22
CA LEU A 265 12.73 16.73 -11.49
C LEU A 265 11.91 18.02 -11.43
N GLN A 266 11.41 18.48 -12.58
N GLN A 266 11.42 18.46 -12.59
CA GLN A 266 10.60 19.68 -12.63
CA GLN A 266 10.59 19.66 -12.69
C GLN A 266 9.32 19.55 -11.81
C GLN A 266 9.31 19.55 -11.84
N THR A 267 8.67 18.39 -11.91
CA THR A 267 7.48 18.12 -11.12
C THR A 267 7.76 18.17 -9.61
N LEU A 268 8.86 17.58 -9.16
CA LEU A 268 9.25 17.67 -7.73
C LEU A 268 9.45 19.12 -7.28
N LEU A 269 10.07 19.96 -8.12
CA LEU A 269 10.21 21.38 -7.81
C LEU A 269 8.82 22.06 -7.69
N GLN A 270 7.91 21.72 -8.59
N GLN A 270 7.90 21.70 -8.58
CA GLN A 270 6.52 22.19 -8.53
CA GLN A 270 6.53 22.18 -8.51
C GLN A 270 5.75 21.67 -7.29
C GLN A 270 5.74 21.67 -7.31
N HIS A 271 6.08 20.49 -6.80
CA HIS A 271 5.50 19.97 -5.54
C HIS A 271 5.88 20.78 -4.29
N LEU A 272 7.00 21.49 -4.36
CA LEU A 272 7.46 22.33 -3.23
C LEU A 272 6.50 23.50 -2.87
N LYS A 273 5.58 23.85 -3.80
CA LYS A 273 4.57 24.88 -3.59
C LYS A 273 3.22 24.35 -3.09
N SER A 274 3.07 23.04 -2.96
CA SER A 274 1.79 22.46 -2.60
C SER A 274 1.32 22.89 -1.20
N HIS A 275 0.02 23.01 -1.04
CA HIS A 275 -0.61 23.17 0.27
C HIS A 275 -0.48 21.93 1.14
N SER A 276 -0.35 20.75 0.52
CA SER A 276 -0.11 19.53 1.25
C SER A 276 1.33 19.47 1.76
N LEU A 277 1.50 19.54 3.08
CA LEU A 277 2.81 19.30 3.69
C LEU A 277 3.38 17.91 3.36
N THR A 278 2.49 16.93 3.15
CA THR A 278 2.87 15.59 2.68
C THR A 278 3.57 15.66 1.33
N ILE A 279 2.97 16.36 0.38
CA ILE A 279 3.57 16.53 -0.95
C ILE A 279 4.91 17.27 -0.83
N VAL A 280 4.96 18.33 -0.03
CA VAL A 280 6.20 19.10 0.08
C VAL A 280 7.31 18.26 0.72
N SER A 281 6.97 17.52 1.79
CA SER A 281 7.96 16.71 2.49
C SER A 281 8.48 15.59 1.60
N ASN A 282 7.57 14.88 0.92
CA ASN A 282 7.96 13.83 -0.02
C ASN A 282 8.95 14.37 -1.04
N ALA A 283 8.61 15.49 -1.67
CA ALA A 283 9.47 16.11 -2.69
C ALA A 283 10.83 16.54 -2.15
N CYS A 284 10.84 17.11 -0.95
CA CYS A 284 12.12 17.48 -0.31
C CYS A 284 13.00 16.26 -0.06
N GLY A 285 12.42 15.19 0.47
CA GLY A 285 13.15 13.94 0.68
C GLY A 285 13.71 13.37 -0.61
N THR A 286 12.90 13.40 -1.67
CA THR A 286 13.33 12.86 -2.96
C THR A 286 14.47 13.72 -3.53
N LEU A 287 14.30 15.03 -3.51
CA LEU A 287 15.35 15.98 -3.95
C LEU A 287 16.65 15.87 -3.15
N TRP A 288 16.54 15.65 -1.84
CA TRP A 288 17.70 15.40 -0.99
C TRP A 288 18.55 14.26 -1.58
N ASN A 289 17.92 13.11 -1.82
CA ASN A 289 18.68 11.96 -2.32
C ASN A 289 19.15 12.08 -3.75
N LEU A 290 18.32 12.63 -4.64
CA LEU A 290 18.69 12.78 -6.06
C LEU A 290 19.69 13.91 -6.33
N SER A 291 19.73 14.92 -5.46
CA SER A 291 20.78 15.96 -5.55
C SER A 291 22.18 15.51 -5.09
N ALA A 292 22.33 14.31 -4.57
CA ALA A 292 23.63 13.82 -4.14
C ALA A 292 24.41 13.23 -5.32
N ARG A 293 25.69 13.60 -5.44
CA ARG A 293 26.66 13.01 -6.37
C ARG A 293 26.52 13.36 -7.84
N ASN A 294 25.32 13.26 -8.41
CA ASN A 294 25.22 13.25 -9.86
C ASN A 294 25.31 14.67 -10.39
N PRO A 295 26.44 15.02 -11.07
CA PRO A 295 26.58 16.42 -11.50
C PRO A 295 25.56 16.88 -12.54
N LYS A 296 25.10 15.97 -13.39
CA LYS A 296 24.09 16.31 -14.37
C LYS A 296 22.71 16.54 -13.73
N ASP A 297 22.34 15.79 -12.70
CA ASP A 297 21.10 16.09 -11.96
C ASP A 297 21.22 17.36 -11.16
N GLN A 298 22.39 17.58 -10.57
CA GLN A 298 22.66 18.86 -9.93
C GLN A 298 22.53 20.04 -10.90
N GLU A 299 23.10 19.93 -12.09
CA GLU A 299 23.04 21.03 -13.06
C GLU A 299 21.61 21.30 -13.52
N ALA A 300 20.87 20.24 -13.78
CA ALA A 300 19.47 20.34 -14.19
C ALA A 300 18.67 21.09 -13.14
N LEU A 301 18.90 20.78 -11.87
CA LEU A 301 18.19 21.41 -10.78
C LEU A 301 18.58 22.89 -10.63
N TRP A 302 19.88 23.16 -10.66
CA TRP A 302 20.38 24.55 -10.76
C TRP A 302 19.64 25.33 -11.85
N ASP A 303 19.61 24.78 -13.06
CA ASP A 303 18.99 25.47 -14.22
C ASP A 303 17.50 25.73 -14.06
N MET A 304 16.83 24.87 -13.28
CA MET A 304 15.39 25.02 -13.01
C MET A 304 15.08 25.91 -11.81
N GLY A 305 16.08 26.59 -11.24
CA GLY A 305 15.89 27.47 -10.11
C GLY A 305 15.68 26.73 -8.79
N ALA A 306 16.17 25.51 -8.67
CA ALA A 306 15.98 24.72 -7.43
C ALA A 306 16.54 25.41 -6.19
N VAL A 307 17.68 26.09 -6.33
CA VAL A 307 18.35 26.72 -5.20
C VAL A 307 17.43 27.69 -4.44
N SER A 308 16.83 28.67 -5.13
CA SER A 308 15.94 29.61 -4.46
C SER A 308 14.65 28.92 -3.99
N MET A 309 14.17 27.92 -4.74
CA MET A 309 12.96 27.21 -4.29
C MET A 309 13.20 26.47 -2.96
N LEU A 310 14.31 25.75 -2.83
CA LEU A 310 14.61 25.01 -1.60
C LEU A 310 14.97 25.94 -0.44
N LYS A 311 15.62 27.05 -0.76
CA LYS A 311 15.94 28.07 0.24
C LYS A 311 14.68 28.63 0.96
N ASN A 312 13.57 28.77 0.22
CA ASN A 312 12.27 29.21 0.76
C ASN A 312 11.67 28.31 1.84
N LEU A 313 12.11 27.04 1.91
CA LEU A 313 11.57 26.06 2.85
C LEU A 313 12.44 25.77 4.06
N ILE A 314 13.65 26.34 4.13
CA ILE A 314 14.60 25.96 5.18
C ILE A 314 14.17 26.33 6.61
N HIS A 315 13.25 27.28 6.76
CA HIS A 315 12.73 27.66 8.08
C HIS A 315 11.41 27.03 8.41
N SER A 316 10.96 26.04 7.63
CA SER A 316 9.76 25.28 8.00
C SER A 316 9.78 24.74 9.43
N LYS A 317 8.64 24.84 10.11
CA LYS A 317 8.37 24.11 11.36
C LYS A 317 8.34 22.59 11.20
N HIS A 318 8.03 22.13 9.99
CA HIS A 318 7.91 20.70 9.70
C HIS A 318 9.34 20.15 9.57
N LYS A 319 9.71 19.25 10.49
CA LYS A 319 11.10 18.81 10.64
C LYS A 319 11.66 18.19 9.38
N MET A 320 10.89 17.36 8.69
CA MET A 320 11.39 16.73 7.47
C MET A 320 11.52 17.70 6.30
N ILE A 321 10.64 18.70 6.17
CA ILE A 321 10.75 19.70 5.11
C ILE A 321 12.01 20.56 5.39
N ALA A 322 12.24 20.89 6.66
CA ALA A 322 13.35 21.74 7.04
C ALA A 322 14.67 21.04 6.78
N MET A 323 14.76 19.78 7.19
CA MET A 323 16.01 19.03 7.02
C MET A 323 16.26 18.64 5.55
N GLY A 324 15.22 18.19 4.86
CA GLY A 324 15.32 17.80 3.47
C GLY A 324 15.69 18.93 2.52
N SER A 325 14.99 20.06 2.67
CA SER A 325 15.25 21.27 1.88
C SER A 325 16.66 21.78 2.15
N ALA A 326 17.10 21.75 3.41
CA ALA A 326 18.46 22.18 3.74
C ALA A 326 19.52 21.24 3.17
N ALA A 327 19.25 19.94 3.24
CA ALA A 327 20.21 18.94 2.75
C ALA A 327 20.36 19.02 1.24
N ALA A 328 19.23 19.10 0.54
CA ALA A 328 19.24 19.28 -0.90
C ALA A 328 20.00 20.53 -1.31
N LEU A 329 19.73 21.63 -0.60
CA LEU A 329 20.38 22.90 -0.86
C LEU A 329 21.90 22.77 -0.70
N ARG A 330 22.36 22.17 0.39
CA ARG A 330 23.80 21.92 0.58
C ARG A 330 24.44 21.15 -0.56
N ASN A 331 23.76 20.10 -1.03
CA ASN A 331 24.27 19.34 -2.18
C ASN A 331 24.45 20.24 -3.40
N LEU A 332 23.47 21.10 -3.68
CA LEU A 332 23.56 21.98 -4.83
C LEU A 332 24.61 23.07 -4.63
N MET A 333 24.61 23.73 -3.48
CA MET A 333 25.55 24.83 -3.19
C MET A 333 27.02 24.41 -3.21
N ALA A 334 27.29 23.18 -2.79
CA ALA A 334 28.65 22.62 -2.83
C ALA A 334 29.09 22.15 -4.21
N ASN A 335 28.19 22.18 -5.19
CA ASN A 335 28.49 21.66 -6.53
C ASN A 335 27.89 22.59 -7.57
N ARG A 336 28.26 23.87 -7.47
CA ARG A 336 27.83 24.88 -8.43
C ARG A 336 28.41 24.51 -9.80
N PRO A 337 27.56 24.43 -10.84
CA PRO A 337 28.08 23.87 -12.09
C PRO A 337 29.16 24.73 -12.75
N ALA A 338 30.09 24.08 -13.45
CA ALA A 338 31.21 24.76 -14.10
C ALA A 338 30.74 26.01 -14.86
N LYS A 339 29.67 25.86 -15.64
CA LYS A 339 29.12 26.98 -16.41
C LYS A 339 28.66 28.21 -15.61
N TYR A 340 28.26 28.04 -14.34
CA TYR A 340 27.82 29.18 -13.52
C TYR A 340 28.94 30.14 -13.03
N LYS A 341 30.20 29.73 -13.10
CA LYS A 341 31.26 30.39 -12.32
C LYS A 341 31.59 31.80 -12.89
N ASP A 342 30.64 32.73 -12.74
CA ASP A 342 30.46 33.92 -13.61
C ASP A 342 30.30 33.49 -15.09
N ALA A 343 31.25 32.69 -15.56
CA ALA A 343 31.04 31.67 -16.60
C ALA A 343 32.26 30.71 -16.63
N ASN A 344 32.22 29.70 -17.51
CA ASN A 344 33.34 28.76 -17.73
C ASN A 344 33.56 27.90 -16.49
C1 PHQ B 1 1.38 7.98 5.46
O1 PHQ B 1 0.69 8.99 5.45
O2 PHQ B 1 2.72 8.26 5.92
C2 PHQ B 1 3.43 7.35 6.72
C3 PHQ B 1 4.81 7.14 6.17
C4 PHQ B 1 5.03 6.01 5.39
C5 PHQ B 1 6.30 5.79 4.87
C6 PHQ B 1 7.34 6.69 5.12
C7 PHQ B 1 7.12 7.81 5.93
C8 PHQ B 1 5.84 8.05 6.45
N ALA B 2 0.98 6.75 5.02
CA ALA B 2 -0.15 6.68 4.18
C ALA B 2 -1.01 6.52 5.37
N GLY B 3 -0.70 5.76 6.45
CA GLY B 3 -1.69 5.52 7.51
C GLY B 3 -2.65 4.39 7.17
N GLU B 4 -3.80 4.37 7.84
CA GLU B 4 -4.81 3.26 7.83
C GLU B 4 -6.21 3.88 7.77
N ALA B 5 -7.34 3.19 7.45
CA ALA B 5 -8.51 3.84 7.30
C ALA B 5 -9.22 2.50 7.35
O XYC B 6 -11.50 2.38 5.20
C XYC B 6 -12.01 1.69 6.06
CA XYC B 6 -11.69 1.96 7.53
N XYC B 6 -10.51 2.84 7.65
CB XYC B 6 -12.96 2.61 8.09
C04 XYC B 6 -12.92 2.85 9.61
C08 XYC B 6 -14.15 3.64 10.05
C07 XYC B 6 -15.17 2.63 10.55
C06 XYC B 6 -14.48 1.27 10.47
C05 XYC B 6 -12.99 1.53 10.37
N TYR B 7 -12.83 0.68 5.76
CA TYR B 7 -13.12 0.36 4.37
C TYR B 7 -13.96 1.47 3.73
N GLU B 8 -13.63 1.86 2.50
CA GLU B 8 -14.33 2.96 1.82
C GLU B 8 -14.46 2.73 0.30
N NH2 B 9 -15.13 3.72 -0.45
S SO4 C . 31.70 27.95 -5.45
O1 SO4 C . 31.47 28.62 -4.14
O2 SO4 C . 32.34 28.90 -6.38
O3 SO4 C . 32.59 26.78 -5.30
O4 SO4 C . 30.38 27.53 -5.98
C1 GOL D . -0.62 -20.47 9.62
O1 GOL D . 0.58 -19.73 9.77
C2 GOL D . -0.38 -21.68 8.71
O2 GOL D . -0.35 -22.86 9.52
C3 GOL D . -1.42 -21.82 7.58
O3 GOL D . -2.58 -22.55 7.95
#